data_4OCI
#
_entry.id   4OCI
#
_cell.length_a   70.552
_cell.length_b   44.446
_cell.length_c   47.730
_cell.angle_alpha   90.00
_cell.angle_beta   108.92
_cell.angle_gamma   90.00
#
_symmetry.space_group_name_H-M   'C 1 2 1'
#
loop_
_entity.id
_entity.type
_entity.pdbx_description
1 polymer 'Calmodulin, putative'
2 non-polymer 'CALCIUM ION'
3 non-polymer 'SODIUM ION'
4 non-polymer 'ACETATE ION'
5 water water
#
_entity_poly.entity_id   1
_entity_poly.type   'polypeptide(L)'
_entity_poly.pdbx_seq_one_letter_code
;(MSE)QKHNEDLKESFLLFDGDGDGYLTLNEFESLVRVLGVV(MSE)ETSAIASTYNSNSKVRG(MSE)SYELFTSCFSQ
LKTKSFNKDEIKTAINVLDKDKKGFIPAIELRRILSTIGDN(MSE)EQKEITDLFTF(MSE)GIDEQGVVKVDDFINQDN
HHHHHH
;
_entity_poly.pdbx_strand_id   A
#
loop_
_chem_comp.id
_chem_comp.type
_chem_comp.name
_chem_comp.formula
ACT non-polymer 'ACETATE ION' 'C2 H3 O2 -1'
CA non-polymer 'CALCIUM ION' 'Ca 2'
NA non-polymer 'SODIUM ION' 'Na 1'
#
# COMPACT_ATOMS: atom_id res chain seq x y z
N LEU A 8 -15.60 -11.67 5.24
CA LEU A 8 -15.40 -10.31 4.56
C LEU A 8 -16.67 -9.81 3.88
N LYS A 9 -17.61 -10.69 3.70
CA LYS A 9 -18.83 -10.32 3.03
C LYS A 9 -19.59 -9.22 3.77
N GLU A 10 -19.59 -9.26 5.09
CA GLU A 10 -20.25 -8.21 5.86
C GLU A 10 -19.65 -6.83 5.59
N SER A 11 -18.33 -6.79 5.46
CA SER A 11 -17.62 -5.54 5.21
C SER A 11 -17.83 -5.06 3.79
N PHE A 12 -17.75 -5.95 2.83
CA PHE A 12 -18.07 -5.59 1.48
C PHE A 12 -19.44 -4.87 1.42
N LEU A 13 -20.49 -5.51 1.94
CA LEU A 13 -21.86 -5.01 1.83
C LEU A 13 -21.99 -3.72 2.61
N LEU A 14 -21.21 -3.61 3.67
CA LEU A 14 -21.18 -2.32 4.40
C LEU A 14 -20.68 -1.16 3.50
N PHE A 15 -19.68 -1.45 2.68
CA PHE A 15 -19.10 -0.38 1.85
C PHE A 15 -19.85 -0.24 0.54
N ASP A 16 -20.78 -1.16 0.25
CA ASP A 16 -21.59 -1.04 -0.95
C ASP A 16 -22.73 -0.09 -0.60
N GLY A 17 -22.57 1.17 -0.97
CA GLY A 17 -23.44 2.21 -0.38
C GLY A 17 -24.84 2.20 -0.90
N ASP A 18 -25.04 1.69 -2.11
CA ASP A 18 -26.36 1.73 -2.65
C ASP A 18 -27.11 0.36 -2.60
N GLY A 19 -26.59 -0.61 -1.87
CA GLY A 19 -27.28 -1.91 -1.66
C GLY A 19 -27.51 -2.77 -2.89
N ASP A 20 -26.72 -2.63 -3.96
CA ASP A 20 -26.94 -3.44 -5.16
C ASP A 20 -26.02 -4.63 -5.28
N GLY A 21 -25.13 -4.84 -4.31
CA GLY A 21 -24.11 -5.94 -4.38
C GLY A 21 -22.83 -5.66 -5.21
N TYR A 22 -22.55 -4.39 -5.52
CA TYR A 22 -21.43 -3.97 -6.36
C TYR A 22 -20.75 -2.82 -5.74
N LEU A 23 -19.42 -2.80 -5.73
CA LEU A 23 -18.70 -1.61 -5.30
C LEU A 23 -18.37 -0.67 -6.44
N THR A 24 -18.53 0.64 -6.20
CA THR A 24 -17.92 1.66 -7.09
C THR A 24 -16.41 1.68 -6.94
N LEU A 25 -15.69 2.44 -7.78
CA LEU A 25 -14.25 2.57 -7.64
C LEU A 25 -13.89 3.20 -6.31
N ASN A 26 -14.52 4.28 -5.91
CA ASN A 26 -14.15 4.86 -4.58
C ASN A 26 -14.42 3.96 -3.38
N GLU A 27 -15.52 3.19 -3.42
CA GLU A 27 -15.81 2.21 -2.36
C GLU A 27 -14.79 1.08 -2.32
N PHE A 28 -14.37 0.60 -3.47
CA PHE A 28 -13.29 -0.39 -3.53
C PHE A 28 -11.99 0.10 -2.96
N GLU A 29 -11.60 1.31 -3.36
CA GLU A 29 -10.34 1.88 -2.86
C GLU A 29 -10.41 2.09 -1.34
N SER A 30 -11.53 2.60 -0.88
CA SER A 30 -11.69 2.90 0.48
C SER A 30 -11.70 1.56 1.36
N LEU A 31 -12.26 0.49 0.85
CA LEU A 31 -12.36 -0.75 1.59
C LEU A 31 -11.05 -1.42 1.67
N VAL A 32 -10.33 -1.46 0.55
CA VAL A 32 -8.98 -2.07 0.47
C VAL A 32 -8.04 -1.29 1.38
N ARG A 33 -8.14 0.04 1.41
CA ARG A 33 -7.32 0.80 2.37
C ARG A 33 -7.70 0.56 3.84
N VAL A 34 -8.99 0.63 4.16
CA VAL A 34 -9.45 0.19 5.47
C VAL A 34 -8.90 -1.19 5.93
N LEU A 35 -8.84 -2.18 5.01
CA LEU A 35 -8.33 -3.51 5.26
C LEU A 35 -6.82 -3.60 5.35
N GLY A 36 -6.09 -2.53 5.05
CA GLY A 36 -4.69 -2.47 5.39
C GLY A 36 -3.72 -2.35 4.21
N VAL A 37 -4.24 -2.40 2.99
CA VAL A 37 -3.39 -2.32 1.78
C VAL A 37 -2.73 -0.95 1.67
N VAL A 38 -1.42 -0.97 1.45
CA VAL A 38 -0.59 0.21 1.27
C VAL A 38 -0.06 0.20 -0.14
N MSE A 39 -0.60 1.08 -0.98
CA MSE A 39 -0.18 1.16 -2.37
C MSE A 39 -0.82 2.35 -3.12
O MSE A 39 -1.72 2.96 -2.58
CB MSE A 39 -0.49 -0.18 -3.09
CG MSE A 39 -1.88 -0.34 -3.56
SE MSE A 39 -2.27 -2.08 -4.44
CE MSE A 39 -0.78 -2.48 -5.65
N GLU A 40 -0.31 2.68 -4.32
CA GLU A 40 -0.71 3.86 -5.04
C GLU A 40 -2.16 3.71 -5.40
N THR A 41 -2.89 4.81 -5.34
CA THR A 41 -4.27 4.86 -5.79
C THR A 41 -4.42 4.36 -7.21
N SER A 42 -3.52 4.75 -8.09
CA SER A 42 -3.71 4.39 -9.53
C SER A 42 -3.51 2.90 -9.70
N ALA A 43 -2.79 2.24 -8.82
CA ALA A 43 -2.58 0.79 -8.94
C ALA A 43 -3.87 0.04 -8.47
N ILE A 44 -4.43 0.53 -7.37
CA ILE A 44 -5.77 0.05 -6.88
C ILE A 44 -6.83 0.25 -7.99
N ALA A 45 -6.84 1.42 -8.63
CA ALA A 45 -7.82 1.77 -9.67
C ALA A 45 -7.63 0.92 -10.90
N SER A 46 -6.38 0.64 -11.22
CA SER A 46 -6.06 -0.23 -12.32
C SER A 46 -6.59 -1.66 -12.10
N THR A 47 -6.45 -2.21 -10.90
CA THR A 47 -7.02 -3.52 -10.56
C THR A 47 -8.54 -3.46 -10.69
N TYR A 48 -9.14 -2.39 -10.18
CA TYR A 48 -10.60 -2.22 -10.33
C TYR A 48 -11.00 -2.24 -11.83
N ASN A 49 -10.28 -1.48 -12.67
CA ASN A 49 -10.60 -1.36 -14.07
C ASN A 49 -10.56 -2.75 -14.77
N SER A 50 -9.62 -3.58 -14.38
CA SER A 50 -9.47 -4.91 -15.00
C SER A 50 -10.44 -5.93 -14.43
N ASN A 51 -11.07 -5.63 -13.31
CA ASN A 51 -11.87 -6.67 -12.64
C ASN A 51 -13.21 -6.10 -12.19
N SER A 52 -13.88 -5.42 -13.08
CA SER A 52 -15.20 -4.99 -12.68
C SER A 52 -16.05 -5.17 -13.92
N LYS A 53 -17.30 -5.50 -13.71
CA LYS A 53 -18.29 -5.47 -14.80
C LYS A 53 -18.77 -4.06 -14.95
N VAL A 54 -19.64 -3.86 -15.91
CA VAL A 54 -20.31 -2.59 -15.99
C VAL A 54 -20.98 -2.10 -14.71
N ARG A 55 -21.69 -2.97 -13.99
CA ARG A 55 -22.29 -2.66 -12.71
C ARG A 55 -21.29 -2.33 -11.59
N GLY A 56 -20.03 -2.67 -11.74
CA GLY A 56 -19.14 -2.41 -10.62
C GLY A 56 -18.44 -3.72 -10.25
N MSE A 57 -17.93 -3.79 -9.04
CA MSE A 57 -17.18 -4.92 -8.61
C MSE A 57 -18.03 -5.81 -7.68
O MSE A 57 -18.50 -5.34 -6.69
CB MSE A 57 -15.90 -4.45 -7.90
CG MSE A 57 -15.05 -5.68 -7.55
SE MSE A 57 -13.57 -5.06 -6.57
CE MSE A 57 -12.45 -5.09 -8.23
N SER A 58 -18.23 -7.08 -8.01
CA SER A 58 -19.07 -7.99 -7.23
C SER A 58 -18.25 -8.55 -6.09
N TYR A 59 -18.90 -9.19 -5.11
CA TYR A 59 -18.17 -9.75 -3.99
C TYR A 59 -17.09 -10.74 -4.41
N GLU A 60 -17.41 -11.64 -5.36
CA GLU A 60 -16.36 -12.63 -5.70
C GLU A 60 -15.16 -12.06 -6.50
N LEU A 61 -15.38 -11.06 -7.39
CA LEU A 61 -14.24 -10.36 -8.02
C LEU A 61 -13.42 -9.65 -6.92
N PHE A 62 -14.10 -9.05 -5.94
CA PHE A 62 -13.46 -8.39 -4.78
C PHE A 62 -12.55 -9.27 -3.97
N THR A 63 -13.02 -10.45 -3.56
CA THR A 63 -12.15 -11.35 -2.80
C THR A 63 -10.95 -11.85 -3.62
N SER A 64 -11.13 -12.14 -4.90
CA SER A 64 -9.96 -12.41 -5.77
C SER A 64 -8.99 -11.27 -5.85
N CYS A 65 -9.48 -10.06 -6.11
CA CYS A 65 -8.63 -8.83 -6.20
C CYS A 65 -7.93 -8.52 -4.89
N PHE A 66 -8.68 -8.63 -3.80
CA PHE A 66 -8.16 -8.32 -2.51
C PHE A 66 -7.00 -9.29 -2.14
N SER A 67 -7.16 -10.59 -2.40
CA SER A 67 -6.08 -11.56 -2.21
C SER A 67 -4.86 -11.17 -3.00
N GLN A 68 -5.06 -10.69 -4.22
CA GLN A 68 -3.94 -10.36 -5.07
C GLN A 68 -3.27 -9.06 -4.68
N LEU A 69 -4.05 -8.00 -4.40
CA LEU A 69 -3.52 -6.81 -3.76
C LEU A 69 -2.69 -7.14 -2.53
N LYS A 70 -3.15 -8.07 -1.71
CA LYS A 70 -2.48 -8.39 -0.45
C LYS A 70 -1.08 -8.92 -0.64
N THR A 71 -0.88 -9.70 -1.71
CA THR A 71 0.43 -10.22 -2.07
C THR A 71 1.26 -9.12 -2.66
N LYS A 72 0.68 -8.39 -3.62
CA LYS A 72 1.39 -7.29 -4.30
C LYS A 72 1.76 -6.05 -3.43
N SER A 73 1.59 -6.11 -2.11
CA SER A 73 1.83 -4.89 -1.32
C SER A 73 2.10 -5.27 0.11
N PHE A 74 2.15 -4.27 0.98
CA PHE A 74 2.31 -4.56 2.40
C PHE A 74 1.26 -3.79 3.13
N ASN A 75 1.16 -4.03 4.43
CA ASN A 75 0.42 -3.16 5.33
C ASN A 75 1.35 -2.39 6.25
N LYS A 76 0.76 -1.43 6.94
CA LYS A 76 1.49 -0.50 7.72
C LYS A 76 1.97 -1.19 8.99
N ASP A 77 1.28 -2.21 9.49
CA ASP A 77 1.84 -3.05 10.61
C ASP A 77 3.14 -3.77 10.26
N GLU A 78 3.15 -4.28 9.03
CA GLU A 78 4.24 -5.05 8.52
C GLU A 78 5.47 -4.15 8.36
N ILE A 79 5.28 -2.98 7.75
CA ILE A 79 6.45 -2.11 7.59
C ILE A 79 6.94 -1.59 8.94
N LYS A 80 5.99 -1.26 9.81
CA LYS A 80 6.38 -0.72 11.08
C LYS A 80 7.12 -1.73 11.92
N THR A 81 6.59 -2.94 12.08
CA THR A 81 7.35 -4.00 12.75
C THR A 81 8.77 -4.15 12.21
N ALA A 82 8.91 -4.18 10.89
CA ALA A 82 10.25 -4.34 10.32
C ALA A 82 11.12 -3.12 10.62
N ILE A 83 10.53 -1.93 10.62
CA ILE A 83 11.35 -0.77 10.94
C ILE A 83 11.77 -0.86 12.42
N ASN A 84 10.82 -1.08 13.31
CA ASN A 84 11.08 -1.06 14.76
C ASN A 84 12.15 -2.06 15.25
N VAL A 85 12.22 -3.21 14.57
CA VAL A 85 13.32 -4.14 14.72
C VAL A 85 14.75 -3.51 14.59
N LEU A 86 14.91 -2.55 13.67
CA LEU A 86 16.18 -1.81 13.57
C LEU A 86 16.32 -0.47 14.35
N ASP A 87 15.25 -0.05 15.03
CA ASP A 87 15.34 1.16 15.86
C ASP A 87 14.71 0.90 17.22
N LYS A 88 15.23 -0.08 17.97
CA LYS A 88 14.60 -0.49 19.26
C LYS A 88 14.83 0.57 20.34
N ASP A 89 15.95 1.26 20.23
CA ASP A 89 16.21 2.45 21.03
C ASP A 89 15.36 3.69 20.66
N LYS A 90 14.60 3.64 19.59
CA LYS A 90 13.67 4.76 19.23
C LYS A 90 14.36 6.12 18.93
N LYS A 91 15.50 6.01 18.27
CA LYS A 91 16.23 7.15 17.75
C LYS A 91 15.41 7.85 16.64
N GLY A 92 14.55 7.11 15.94
CA GLY A 92 13.80 7.79 14.88
C GLY A 92 14.35 7.60 13.48
N PHE A 93 15.57 6.99 13.37
CA PHE A 93 16.26 6.87 12.09
C PHE A 93 16.68 5.46 11.85
N ILE A 94 16.60 5.08 10.58
CA ILE A 94 17.22 3.86 10.10
C ILE A 94 18.16 4.14 8.90
N PRO A 95 19.17 3.26 8.64
CA PRO A 95 19.92 3.35 7.36
C PRO A 95 19.07 3.17 6.12
N ALA A 96 19.36 3.96 5.08
CA ALA A 96 18.60 3.94 3.89
C ALA A 96 18.74 2.56 3.27
N ILE A 97 19.91 1.95 3.39
CA ILE A 97 20.07 0.66 2.76
C ILE A 97 19.26 -0.42 3.44
N GLU A 98 19.00 -0.24 4.73
CA GLU A 98 18.17 -1.21 5.46
C GLU A 98 16.66 -1.01 5.09
N LEU A 99 16.26 0.24 4.98
CA LEU A 99 14.96 0.54 4.35
C LEU A 99 14.82 -0.10 2.96
N ARG A 100 15.80 0.07 2.08
CA ARG A 100 15.84 -0.64 0.79
C ARG A 100 15.63 -2.10 0.96
N ARG A 101 16.33 -2.76 1.88
CA ARG A 101 16.09 -4.19 2.14
C ARG A 101 14.62 -4.49 2.46
N ILE A 102 14.07 -3.72 3.39
CA ILE A 102 12.74 -3.96 3.90
C ILE A 102 11.72 -3.85 2.80
N LEU A 103 11.82 -2.78 2.02
CA LEU A 103 10.91 -2.49 0.91
C LEU A 103 11.10 -3.54 -0.19
N SER A 104 12.30 -4.07 -0.37
CA SER A 104 12.49 -5.19 -1.28
C SER A 104 11.77 -6.41 -0.75
N THR A 105 11.80 -6.57 0.54
CA THR A 105 11.34 -7.77 1.17
C THR A 105 9.84 -7.91 1.27
N ILE A 106 9.14 -6.86 1.69
CA ILE A 106 7.75 -6.99 2.21
C ILE A 106 6.60 -6.68 1.24
N GLY A 107 6.88 -6.09 0.11
CA GLY A 107 5.84 -6.03 -0.89
C GLY A 107 6.54 -6.10 -2.21
N ASP A 108 5.85 -6.61 -3.23
CA ASP A 108 6.52 -6.59 -4.52
C ASP A 108 5.83 -5.67 -5.56
N ASN A 109 5.61 -4.39 -5.17
CA ASN A 109 5.25 -3.32 -6.15
C ASN A 109 6.38 -2.26 -6.39
N MSE A 110 7.55 -2.54 -5.81
CA MSE A 110 8.85 -1.85 -6.05
C MSE A 110 10.00 -2.84 -6.55
O MSE A 110 10.30 -3.86 -5.87
CB MSE A 110 9.39 -1.11 -4.78
CG MSE A 110 8.38 -0.71 -3.71
SE MSE A 110 8.25 1.24 -3.45
CE MSE A 110 6.29 1.40 -2.97
N GLU A 111 10.59 -2.52 -7.70
CA GLU A 111 11.89 -3.09 -8.14
C GLU A 111 13.05 -2.18 -7.63
N GLN A 112 14.31 -2.59 -7.78
CA GLN A 112 15.43 -1.82 -7.26
C GLN A 112 15.51 -0.41 -7.83
N LYS A 113 15.19 -0.31 -9.14
CA LYS A 113 15.25 0.94 -9.87
C LYS A 113 14.15 1.86 -9.34
N GLU A 114 12.97 1.34 -8.99
CA GLU A 114 11.88 2.18 -8.42
C GLU A 114 12.21 2.67 -6.97
N ILE A 115 12.97 1.86 -6.25
CA ILE A 115 13.45 2.26 -4.93
C ILE A 115 14.42 3.41 -5.02
N THR A 116 15.40 3.32 -5.92
CA THR A 116 16.35 4.39 -6.15
C THR A 116 15.59 5.69 -6.55
N ASP A 117 14.59 5.57 -7.42
CA ASP A 117 13.86 6.74 -7.91
C ASP A 117 13.04 7.35 -6.79
N LEU A 118 12.44 6.51 -5.96
CA LEU A 118 11.79 6.98 -4.78
C LEU A 118 12.74 7.69 -3.79
N PHE A 119 13.93 7.10 -3.56
CA PHE A 119 14.89 7.70 -2.63
C PHE A 119 15.39 9.03 -3.17
N THR A 120 15.67 9.10 -4.48
CA THR A 120 16.05 10.37 -5.13
C THR A 120 14.98 11.44 -5.02
N PHE A 121 13.73 11.06 -5.24
CA PHE A 121 12.58 11.93 -5.10
C PHE A 121 12.49 12.54 -3.66
N MSE A 122 12.74 11.72 -2.65
CA MSE A 122 12.61 12.17 -1.28
C MSE A 122 13.88 12.76 -0.72
O MSE A 122 13.87 13.28 0.38
CB MSE A 122 12.15 11.02 -0.40
CG MSE A 122 10.67 10.77 -0.60
SE MSE A 122 10.17 9.27 0.53
CE MSE A 122 8.32 8.99 -0.14
N GLY A 123 14.97 12.65 -1.44
CA GLY A 123 16.24 13.27 -1.03
C GLY A 123 17.02 12.38 -0.06
N ILE A 124 16.92 11.07 -0.27
CA ILE A 124 17.43 10.13 0.70
C ILE A 124 18.74 9.67 0.02
N ASP A 125 19.88 9.74 0.72
CA ASP A 125 21.10 9.14 0.12
C ASP A 125 21.25 7.72 0.51
N GLU A 126 21.73 6.95 -0.44
CA GLU A 126 21.96 5.50 -0.30
C GLU A 126 22.90 5.08 0.83
N GLN A 127 23.90 5.90 1.12
CA GLN A 127 24.80 5.68 2.25
C GLN A 127 24.41 6.40 3.57
N GLY A 128 23.20 6.95 3.62
CA GLY A 128 22.82 7.77 4.75
C GLY A 128 21.68 7.12 5.53
N VAL A 129 20.93 7.97 6.26
CA VAL A 129 19.88 7.51 7.12
C VAL A 129 18.55 8.06 6.63
N VAL A 130 17.47 7.49 7.12
CA VAL A 130 16.14 8.00 6.79
C VAL A 130 15.38 8.26 8.07
N LYS A 131 14.67 9.40 8.12
CA LYS A 131 13.86 9.71 9.28
C LYS A 131 12.54 8.94 9.11
N VAL A 132 12.29 7.96 9.97
CA VAL A 132 11.20 6.99 9.77
C VAL A 132 9.83 7.70 9.75
N ASP A 133 9.56 8.64 10.67
CA ASP A 133 8.18 9.25 10.66
C ASP A 133 7.94 10.03 9.34
N ASP A 134 8.95 10.80 8.92
CA ASP A 134 8.82 11.59 7.73
C ASP A 134 8.65 10.68 6.54
N PHE A 135 9.45 9.59 6.46
CA PHE A 135 9.31 8.65 5.35
C PHE A 135 7.91 8.03 5.21
N ILE A 136 7.41 7.42 6.30
CA ILE A 136 6.05 6.82 6.27
C ILE A 136 4.98 7.84 5.88
N ASN A 137 5.02 9.06 6.45
CA ASN A 137 4.11 10.10 6.09
C ASN A 137 4.18 10.55 4.60
N GLN A 138 5.38 10.67 4.08
CA GLN A 138 5.54 11.16 2.70
C GLN A 138 5.11 10.06 1.72
N ASP A 139 5.37 8.84 2.09
CA ASP A 139 5.08 7.73 1.23
C ASP A 139 3.51 7.55 1.18
N ASN A 140 2.80 7.56 2.34
CA ASN A 140 1.29 7.62 2.33
C ASN A 140 0.77 8.70 1.42
N HIS A 141 1.28 9.92 1.63
CA HIS A 141 0.89 11.03 0.80
C HIS A 141 1.18 10.75 -0.66
N HIS A 142 2.39 10.32 -0.99
CA HIS A 142 2.67 10.02 -2.35
C HIS A 142 1.63 9.02 -2.93
N HIS A 143 1.40 7.93 -2.19
CA HIS A 143 0.55 6.87 -2.67
C HIS A 143 -0.87 7.38 -2.96
N HIS A 144 -1.40 8.26 -2.11
CA HIS A 144 -2.74 8.80 -2.32
C HIS A 144 -2.91 9.61 -3.57
N HIS A 145 -1.82 10.24 -4.01
CA HIS A 145 -1.86 11.16 -5.19
C HIS A 145 -1.31 10.65 -6.52
N HIS A 146 -0.92 9.38 -6.53
CA HIS A 146 -0.31 8.69 -7.68
C HIS A 146 -0.89 7.27 -7.94
CA CA B . -23.17 -0.67 -5.03
NA NA C . -12.92 -14.56 -5.26
C ACT D . 13.83 11.53 5.14
O ACT D . 14.70 11.11 5.94
OXT ACT D . 14.19 12.50 4.40
CH3 ACT D . 12.45 10.94 5.03
C ACT E . -24.52 -1.03 3.07
O ACT E . -24.96 -1.68 4.14
OXT ACT E . -23.86 0.11 3.21
CH3 ACT E . -24.83 -1.62 1.69
C ACT F . -7.81 -10.73 -9.63
O ACT F . -7.23 -11.43 -8.79
OXT ACT F . -7.49 -9.51 -9.56
CH3 ACT F . -8.79 -11.37 -10.59
#